data_3FXZ
#
_entry.id   3FXZ
#
_cell.length_a   52.183
_cell.length_b   103.475
_cell.length_c   122.653
_cell.angle_alpha   90.00
_cell.angle_beta   90.00
_cell.angle_gamma   90.00
#
_symmetry.space_group_name_H-M   'C 2 2 21'
#
loop_
_entity.id
_entity.type
_entity.pdbx_description
1 polymer 'Serine/threonine-protein kinase PAK 1'
2 non-polymer 'OCTAHEDRAL RU-PYRIDOCARBAZOLE'
3 water water
#
_entity_poly.entity_id   1
_entity_poly.type   'polypeptide(L)'
_entity_poly.pdbx_seq_one_letter_code
;SDEEILEKLRSIVSVGDPKKKYTRFEKIGQGASGTVYTAMDVATGQEVAIRQMNLQQQPKKELIINEILVMRENKNPNIV
NYLDSYLVGDELWVVMEYLAGGSLTDVVTETCMDEGQIAAVCRECLQALEFLHSNQVIHRDIKSDNILLGMDGSVKLTDF
GFCAQITPEQSKRS(TPO)MVGTPYWMAPEVVTRKAYGPKVDIWSLGIMAIEMIEGEPPYLNENPLRALYLIATNGTPEL
QNPEKLSAIFRDFLNRCLEMDVEKRGSAKELLQHQFLKIAKPLSSLTPLIAAAKEATKNNH
;
_entity_poly.pdbx_strand_id   A
#
# COMPACT_ATOMS: atom_id res chain seq x y z
N SER A 1 -25.05 -13.65 -3.75
CA SER A 1 -25.48 -14.78 -2.87
C SER A 1 -24.27 -15.51 -2.25
N ASP A 2 -24.44 -16.02 -1.03
CA ASP A 2 -23.36 -16.68 -0.30
C ASP A 2 -22.87 -17.95 -1.03
N GLU A 3 -23.81 -18.67 -1.65
CA GLU A 3 -23.49 -19.89 -2.40
C GLU A 3 -22.67 -19.59 -3.66
N GLU A 4 -23.01 -18.51 -4.36
CA GLU A 4 -22.28 -18.11 -5.57
C GLU A 4 -20.89 -17.59 -5.24
N ILE A 5 -20.78 -16.86 -4.14
CA ILE A 5 -19.48 -16.42 -3.62
C ILE A 5 -18.59 -17.65 -3.39
N LEU A 6 -19.13 -18.67 -2.72
CA LEU A 6 -18.36 -19.89 -2.47
C LEU A 6 -17.95 -20.61 -3.75
N GLU A 7 -18.87 -20.71 -4.71
CA GLU A 7 -18.57 -21.37 -5.98
C GLU A 7 -17.49 -20.62 -6.79
N LYS A 8 -17.56 -19.30 -6.79
CA LYS A 8 -16.52 -18.47 -7.40
C LYS A 8 -15.15 -18.70 -6.72
N LEU A 9 -15.13 -18.66 -5.39
CA LEU A 9 -13.89 -18.90 -4.67
C LEU A 9 -13.35 -20.30 -4.97
N ARG A 10 -14.22 -21.30 -4.99
CA ARG A 10 -13.82 -22.68 -5.30
CA ARG A 10 -13.78 -22.67 -5.27
C ARG A 10 -13.07 -22.73 -6.63
N SER A 11 -13.56 -21.97 -7.60
CA SER A 11 -12.86 -21.96 -8.92
C SER A 11 -11.46 -21.33 -8.87
N ILE A 12 -11.29 -20.31 -8.03
CA ILE A 12 -10.06 -19.54 -7.91
C ILE A 12 -8.97 -20.33 -7.17
N VAL A 13 -9.38 -21.02 -6.10
CA VAL A 13 -8.39 -21.56 -5.18
C VAL A 13 -7.75 -22.83 -5.68
N SER A 14 -6.59 -23.14 -5.10
CA SER A 14 -5.97 -24.45 -5.25
C SER A 14 -6.76 -25.44 -4.41
N VAL A 15 -6.68 -26.71 -4.79
CA VAL A 15 -7.48 -27.73 -4.11
C VAL A 15 -6.89 -28.19 -2.77
N GLY A 16 -7.78 -28.63 -1.88
CA GLY A 16 -7.39 -29.27 -0.63
C GLY A 16 -7.04 -28.33 0.51
N ASP A 17 -6.30 -28.87 1.48
CA ASP A 17 -5.96 -28.12 2.70
C ASP A 17 -4.60 -27.42 2.58
N PRO A 18 -4.47 -26.17 3.09
CA PRO A 18 -3.16 -25.50 3.02
C PRO A 18 -2.03 -26.19 3.82
N LYS A 19 -2.40 -27.01 4.80
CA LYS A 19 -1.42 -27.70 5.65
C LYS A 19 -0.64 -28.79 4.91
N LYS A 20 -1.04 -29.04 3.66
CA LYS A 20 -0.34 -29.99 2.79
C LYS A 20 0.80 -29.30 2.04
N LYS A 21 0.86 -27.98 2.13
CA LYS A 21 1.92 -27.22 1.47
C LYS A 21 2.73 -26.33 2.43
N TYR A 22 2.15 -25.99 3.58
CA TYR A 22 2.76 -24.99 4.49
C TYR A 22 2.89 -25.56 5.89
N THR A 23 3.98 -25.23 6.58
CA THR A 23 4.32 -25.92 7.84
C THR A 23 4.33 -25.09 9.14
N ARG A 24 5.41 -24.34 9.41
CA ARG A 24 5.62 -23.74 10.73
C ARG A 24 4.76 -22.48 10.98
N PHE A 25 3.44 -22.69 11.12
CA PHE A 25 2.49 -21.59 11.35
C PHE A 25 2.72 -20.88 12.68
N GLU A 26 2.91 -19.57 12.61
CA GLU A 26 3.01 -18.71 13.80
C GLU A 26 2.10 -17.47 13.63
N LYS A 27 1.22 -17.24 14.59
CA LYS A 27 0.28 -16.11 14.53
C LYS A 27 0.97 -14.75 14.73
N ILE A 28 0.72 -13.82 13.81
CA ILE A 28 1.29 -12.46 13.94
C ILE A 28 0.22 -11.36 14.09
N GLY A 29 -1.04 -11.71 13.89
CA GLY A 29 -2.15 -10.78 14.11
C GLY A 29 -3.51 -11.44 14.10
N GLN A 30 -4.48 -10.81 14.74
CA GLN A 30 -5.86 -11.31 14.72
C GLN A 30 -6.85 -10.16 14.86
N GLY A 31 -7.94 -10.23 14.11
CA GLY A 31 -9.01 -9.24 14.24
C GLY A 31 -10.29 -9.61 13.50
N ALA A 32 -11.08 -8.60 13.14
CA ALA A 32 -12.25 -8.77 12.30
C ALA A 32 -11.83 -9.06 10.86
N SER A 33 -10.62 -8.62 10.52
CA SER A 33 -9.97 -8.90 9.23
C SER A 33 -9.63 -10.39 9.06
N GLY A 34 -9.62 -11.13 10.17
CA GLY A 34 -9.20 -12.54 10.19
C GLY A 34 -7.87 -12.70 10.91
N THR A 35 -7.32 -13.92 10.89
CA THR A 35 -6.06 -14.20 11.55
C THR A 35 -4.93 -14.24 10.54
N VAL A 36 -3.80 -13.65 10.88
CA VAL A 36 -2.65 -13.61 9.98
C VAL A 36 -1.51 -14.39 10.61
N TYR A 37 -0.84 -15.21 9.81
CA TYR A 37 0.25 -16.06 10.27
C TYR A 37 1.45 -15.82 9.40
N THR A 38 2.64 -16.09 9.94
CA THR A 38 3.77 -16.45 9.09
C THR A 38 3.82 -17.98 9.06
N ALA A 39 4.40 -18.52 8.00
CA ALA A 39 4.55 -19.98 7.84
C ALA A 39 5.66 -20.25 6.83
N MET A 40 6.00 -21.53 6.65
CA MET A 40 7.04 -21.90 5.71
C MET A 40 6.48 -22.83 4.64
N ASP A 41 6.77 -22.53 3.38
CA ASP A 41 6.45 -23.41 2.27
C ASP A 41 7.35 -24.65 2.38
N VAL A 42 6.71 -25.81 2.50
CA VAL A 42 7.40 -27.08 2.72
C VAL A 42 8.38 -27.41 1.60
N ALA A 43 8.03 -27.05 0.37
CA ALA A 43 8.79 -27.44 -0.82
C ALA A 43 9.98 -26.53 -1.10
N THR A 44 9.75 -25.22 -1.01
CA THR A 44 10.73 -24.21 -1.41
C THR A 44 11.52 -23.60 -0.25
N GLY A 45 10.99 -23.75 0.97
CA GLY A 45 11.60 -23.19 2.18
C GLY A 45 11.20 -21.73 2.38
N GLN A 46 10.40 -21.20 1.46
CA GLN A 46 10.05 -19.79 1.48
C GLN A 46 9.22 -19.45 2.73
N GLU A 47 9.55 -18.33 3.38
CA GLU A 47 8.72 -17.83 4.46
C GLU A 47 7.57 -17.04 3.85
N VAL A 48 6.36 -17.35 4.29
CA VAL A 48 5.17 -16.74 3.68
C VAL A 48 4.28 -16.13 4.75
N ALA A 49 3.36 -15.28 4.34
CA ALA A 49 2.32 -14.77 5.22
C ALA A 49 0.99 -15.36 4.77
N ILE A 50 0.21 -15.87 5.73
CA ILE A 50 -1.06 -16.50 5.41
C ILE A 50 -2.20 -15.83 6.17
N ARG A 51 -3.19 -15.35 5.43
CA ARG A 51 -4.39 -14.75 6.01
C ARG A 51 -5.43 -15.84 6.07
N GLN A 52 -6.02 -16.04 7.23
CA GLN A 52 -7.09 -16.99 7.39
C GLN A 52 -8.36 -16.22 7.71
N MET A 53 -9.40 -16.41 6.90
CA MET A 53 -10.68 -15.74 7.08
C MET A 53 -11.85 -16.71 7.14
N ASN A 54 -12.73 -16.53 8.13
CA ASN A 54 -13.99 -17.25 8.14
C ASN A 54 -15.00 -16.42 7.34
N LEU A 55 -15.50 -17.00 6.25
CA LEU A 55 -16.38 -16.29 5.32
C LEU A 55 -17.77 -15.99 5.90
N GLN A 56 -18.22 -16.81 6.84
CA GLN A 56 -19.50 -16.60 7.53
C GLN A 56 -19.53 -15.29 8.31
N GLN A 57 -18.37 -14.70 8.53
CA GLN A 57 -18.28 -13.43 9.25
C GLN A 57 -17.46 -12.38 8.51
N GLN A 58 -17.19 -12.62 7.22
CA GLN A 58 -16.59 -11.63 6.36
C GLN A 58 -17.75 -10.92 5.65
N PRO A 59 -17.90 -9.60 5.88
CA PRO A 59 -19.12 -8.91 5.49
C PRO A 59 -19.18 -8.46 4.02
N LYS A 60 -18.02 -8.20 3.42
CA LYS A 60 -17.95 -7.76 2.02
C LYS A 60 -17.04 -8.72 1.25
N LYS A 61 -17.59 -9.88 0.90
CA LYS A 61 -16.79 -10.95 0.30
C LYS A 61 -16.43 -10.73 -1.17
N GLU A 62 -17.23 -9.92 -1.86
CA GLU A 62 -16.92 -9.52 -3.22
C GLU A 62 -15.55 -8.86 -3.26
N LEU A 63 -15.21 -8.16 -2.17
CA LEU A 63 -13.95 -7.45 -2.08
C LEU A 63 -12.79 -8.44 -2.06
N ILE A 64 -12.95 -9.57 -1.36
CA ILE A 64 -11.86 -10.55 -1.31
C ILE A 64 -11.62 -11.23 -2.67
N ILE A 65 -12.70 -11.56 -3.35
CA ILE A 65 -12.62 -12.12 -4.72
C ILE A 65 -11.93 -11.11 -5.65
N ASN A 66 -12.39 -9.86 -5.65
CA ASN A 66 -11.68 -8.80 -6.39
C ASN A 66 -10.20 -8.71 -6.06
N GLU A 67 -9.88 -8.71 -4.76
CA GLU A 67 -8.50 -8.54 -4.31
C GLU A 67 -7.64 -9.66 -4.90
N ILE A 68 -8.13 -10.90 -4.80
CA ILE A 68 -7.32 -12.03 -5.26
C ILE A 68 -7.14 -11.97 -6.77
N LEU A 69 -8.24 -11.70 -7.48
CA LEU A 69 -8.21 -11.63 -8.94
C LEU A 69 -7.30 -10.51 -9.43
N VAL A 70 -7.36 -9.34 -8.80
CA VAL A 70 -6.47 -8.25 -9.18
C VAL A 70 -5.02 -8.62 -8.92
N MET A 71 -4.74 -9.18 -7.75
CA MET A 71 -3.35 -9.44 -7.39
C MET A 71 -2.77 -10.51 -8.30
N ARG A 72 -3.57 -11.52 -8.58
CA ARG A 72 -3.12 -12.65 -9.42
C ARG A 72 -2.65 -12.18 -10.77
N GLU A 73 -3.35 -11.17 -11.32
CA GLU A 73 -3.07 -10.74 -12.70
C GLU A 73 -2.22 -9.47 -12.82
N ASN A 74 -1.75 -8.99 -11.67
CA ASN A 74 -0.92 -7.79 -11.64
C ASN A 74 0.29 -7.97 -10.74
N LYS A 75 1.06 -9.02 -11.02
CA LYS A 75 2.29 -9.28 -10.26
C LYS A 75 3.35 -8.24 -10.66
N ASN A 76 4.07 -7.75 -9.65
CA ASN A 76 5.13 -6.76 -9.84
C ASN A 76 6.15 -6.81 -8.70
N PRO A 77 7.45 -6.60 -9.01
CA PRO A 77 8.54 -6.55 -8.01
C PRO A 77 8.26 -5.66 -6.82
N ASN A 78 7.46 -4.62 -7.05
CA ASN A 78 7.18 -3.65 -6.00
C ASN A 78 5.82 -3.82 -5.37
N ILE A 79 5.27 -5.03 -5.52
CA ILE A 79 3.99 -5.41 -4.92
C ILE A 79 4.21 -6.71 -4.17
N VAL A 80 3.73 -6.78 -2.94
CA VAL A 80 3.83 -8.00 -2.16
C VAL A 80 3.14 -9.12 -2.98
N ASN A 81 3.89 -10.16 -3.31
CA ASN A 81 3.44 -11.27 -4.21
C ASN A 81 2.26 -12.07 -3.59
N TYR A 82 1.13 -12.14 -4.31
CA TYR A 82 0.05 -13.13 -4.02
C TYR A 82 0.56 -14.45 -4.54
N LEU A 83 0.53 -15.49 -3.69
CA LEU A 83 1.12 -16.77 -4.05
C LEU A 83 0.06 -17.82 -4.34
N ASP A 84 -0.94 -17.90 -3.48
CA ASP A 84 -1.91 -19.02 -3.60
C ASP A 84 -3.09 -18.79 -2.69
N SER A 85 -4.09 -19.66 -2.82
CA SER A 85 -5.22 -19.65 -1.92
C SER A 85 -5.86 -21.03 -1.85
N TYR A 86 -6.55 -21.25 -0.74
CA TYR A 86 -7.24 -22.49 -0.42
C TYR A 86 -8.58 -22.19 0.23
N LEU A 87 -9.55 -23.07 0.04
CA LEU A 87 -10.84 -22.90 0.68
C LEU A 87 -11.21 -24.20 1.30
N VAL A 88 -11.39 -24.19 2.61
CA VAL A 88 -11.82 -25.37 3.32
C VAL A 88 -13.15 -25.07 4.02
N GLY A 89 -14.25 -25.58 3.48
CA GLY A 89 -15.56 -25.23 3.98
C GLY A 89 -15.76 -23.72 3.89
N ASP A 90 -15.92 -23.08 5.05
CA ASP A 90 -16.15 -21.64 5.19
C ASP A 90 -14.85 -20.86 5.36
N GLU A 91 -13.73 -21.57 5.37
CA GLU A 91 -12.47 -20.98 5.76
C GLU A 91 -11.60 -20.76 4.56
N LEU A 92 -11.30 -19.48 4.29
CA LEU A 92 -10.45 -19.10 3.17
C LEU A 92 -9.05 -18.76 3.65
N TRP A 93 -8.05 -19.30 2.96
CA TRP A 93 -6.65 -19.01 3.26
C TRP A 93 -6.04 -18.32 2.06
N VAL A 94 -5.39 -17.17 2.29
CA VAL A 94 -4.70 -16.46 1.21
C VAL A 94 -3.22 -16.38 1.57
N VAL A 95 -2.39 -16.91 0.67
CA VAL A 95 -0.97 -17.06 0.90
C VAL A 95 -0.23 -15.98 0.13
N MET A 96 0.61 -15.24 0.87
CA MET A 96 1.32 -14.08 0.33
CA MET A 96 1.34 -14.07 0.37
C MET A 96 2.81 -14.16 0.61
N GLU A 97 3.59 -13.43 -0.21
CA GLU A 97 4.97 -13.17 0.09
C GLU A 97 5.06 -12.48 1.47
N TYR A 98 6.08 -12.84 2.25
CA TYR A 98 6.33 -12.23 3.56
C TYR A 98 7.58 -11.36 3.51
N LEU A 99 7.45 -10.15 4.03
CA LEU A 99 8.57 -9.24 4.20
C LEU A 99 8.77 -8.98 5.68
N ALA A 100 9.97 -9.28 6.20
CA ALA A 100 10.21 -9.33 7.64
C ALA A 100 10.60 -8.00 8.25
N GLY A 101 10.69 -6.95 7.42
CA GLY A 101 11.16 -5.66 7.92
C GLY A 101 10.09 -4.70 8.41
N GLY A 102 8.85 -5.18 8.55
CA GLY A 102 7.76 -4.33 9.01
C GLY A 102 7.33 -3.29 7.98
N SER A 103 6.65 -2.26 8.46
CA SER A 103 6.09 -1.24 7.58
C SER A 103 6.90 0.05 7.58
N LEU A 104 6.67 0.84 6.53
CA LEU A 104 7.24 2.18 6.49
C LEU A 104 6.81 3.02 7.71
N THR A 105 5.62 2.77 8.25
CA THR A 105 5.16 3.53 9.42
C THR A 105 6.13 3.34 10.58
N ASP A 106 6.58 2.09 10.81
CA ASP A 106 7.53 1.79 11.89
C ASP A 106 8.81 2.61 11.68
N VAL A 107 9.28 2.64 10.44
CA VAL A 107 10.46 3.42 10.08
C VAL A 107 10.24 4.90 10.32
N VAL A 108 9.14 5.47 9.83
CA VAL A 108 8.98 6.93 10.00
C VAL A 108 8.70 7.38 11.43
N THR A 109 8.18 6.47 12.26
CA THR A 109 7.86 6.79 13.65
C THR A 109 9.04 6.55 14.61
N GLU A 110 10.05 5.79 14.17
CA GLU A 110 11.11 5.34 15.08
C GLU A 110 12.50 5.83 14.67
N THR A 111 12.62 6.32 13.43
CA THR A 111 13.91 6.70 12.86
C THR A 111 13.79 7.97 12.08
N CYS A 112 14.94 8.50 11.67
CA CYS A 112 14.99 9.70 10.86
CA CYS A 112 15.01 9.72 10.88
C CYS A 112 15.61 9.44 9.50
N MET A 113 14.77 9.44 8.48
CA MET A 113 15.22 9.18 7.11
C MET A 113 15.91 10.41 6.51
N ASP A 114 16.97 10.18 5.74
CA ASP A 114 17.59 11.27 5.00
C ASP A 114 16.99 11.36 3.59
N GLU A 115 17.31 12.41 2.84
CA GLU A 115 16.68 12.58 1.55
C GLU A 115 16.97 11.45 0.58
N GLY A 116 18.20 10.90 0.62
CA GLY A 116 18.55 9.81 -0.29
C GLY A 116 17.71 8.57 -0.01
N GLN A 117 17.43 8.34 1.27
CA GLN A 117 16.61 7.19 1.66
C GLN A 117 15.15 7.42 1.27
N ILE A 118 14.66 8.64 1.50
CA ILE A 118 13.30 9.01 1.08
C ILE A 118 13.11 8.86 -0.45
N ALA A 119 14.07 9.39 -1.22
CA ALA A 119 14.02 9.28 -2.67
C ALA A 119 13.95 7.82 -3.13
N ALA A 120 14.71 6.93 -2.47
CA ALA A 120 14.68 5.52 -2.83
C ALA A 120 13.29 4.94 -2.61
N VAL A 121 12.70 5.24 -1.45
CA VAL A 121 11.35 4.75 -1.13
C VAL A 121 10.33 5.33 -2.13
N CYS A 122 10.41 6.63 -2.41
CA CYS A 122 9.45 7.25 -3.35
C CYS A 122 9.55 6.61 -4.73
N ARG A 123 10.79 6.36 -5.17
CA ARG A 123 11.00 5.71 -6.47
C ARG A 123 10.33 4.33 -6.54
N GLU A 124 10.59 3.51 -5.53
CA GLU A 124 10.05 2.16 -5.53
C GLU A 124 8.53 2.18 -5.53
N CYS A 125 7.96 3.08 -4.73
CA CYS A 125 6.50 3.23 -4.71
C CYS A 125 5.94 3.68 -6.05
N LEU A 126 6.62 4.62 -6.69
CA LEU A 126 6.17 5.09 -8.01
C LEU A 126 6.30 4.01 -9.07
N GLN A 127 7.26 3.11 -8.90
CA GLN A 127 7.36 1.97 -9.83
C GLN A 127 6.09 1.09 -9.74
N ALA A 128 5.68 0.76 -8.52
CA ALA A 128 4.43 0.03 -8.32
C ALA A 128 3.26 0.80 -8.90
N LEU A 129 3.18 2.09 -8.60
CA LEU A 129 2.07 2.90 -9.09
C LEU A 129 2.02 3.01 -10.61
N GLU A 130 3.16 3.26 -11.26
CA GLU A 130 3.17 3.33 -12.71
C GLU A 130 2.68 2.02 -13.34
N PHE A 131 3.14 0.90 -12.77
CA PHE A 131 2.67 -0.38 -13.27
C PHE A 131 1.15 -0.55 -13.11
N LEU A 132 0.64 -0.26 -11.90
CA LEU A 132 -0.77 -0.44 -11.62
C LEU A 132 -1.59 0.49 -12.52
N HIS A 133 -1.19 1.75 -12.59
CA HIS A 133 -1.98 2.72 -13.37
C HIS A 133 -1.99 2.36 -14.85
N SER A 134 -0.87 1.83 -15.36
CA SER A 134 -0.80 1.46 -16.78
C SER A 134 -1.71 0.27 -17.06
N ASN A 135 -2.01 -0.45 -15.98
CA ASN A 135 -2.91 -1.60 -15.98
C ASN A 135 -4.34 -1.29 -15.53
N GLN A 136 -4.65 0.00 -15.44
CA GLN A 136 -5.98 0.52 -15.07
C GLN A 136 -6.42 0.04 -13.70
N VAL A 137 -5.43 -0.01 -12.79
CA VAL A 137 -5.71 -0.31 -11.39
C VAL A 137 -5.29 0.90 -10.54
N ILE A 138 -6.23 1.38 -9.71
CA ILE A 138 -5.96 2.44 -8.72
C ILE A 138 -5.94 1.73 -7.36
N HIS A 139 -4.88 1.95 -6.60
CA HIS A 139 -4.73 1.32 -5.27
C HIS A 139 -5.77 1.88 -4.29
N ARG A 140 -5.80 3.22 -4.20
CA ARG A 140 -6.78 3.99 -3.43
C ARG A 140 -6.59 4.05 -1.93
N ASP A 141 -5.59 3.37 -1.39
CA ASP A 141 -5.29 3.49 0.04
C ASP A 141 -3.77 3.50 0.28
N ILE A 142 -3.07 4.34 -0.49
CA ILE A 142 -1.63 4.47 -0.32
C ILE A 142 -1.35 5.23 0.99
N LYS A 143 -0.51 4.66 1.83
CA LYS A 143 -0.10 5.24 3.12
C LYS A 143 1.03 4.38 3.63
N SER A 144 1.82 4.90 4.58
CA SER A 144 3.00 4.17 5.08
CA SER A 144 3.00 4.18 5.09
C SER A 144 2.69 2.80 5.66
N ASP A 145 1.50 2.65 6.25
CA ASP A 145 1.07 1.35 6.81
C ASP A 145 1.05 0.28 5.74
N ASN A 146 0.78 0.68 4.49
CA ASN A 146 0.66 -0.27 3.38
C ASN A 146 1.91 -0.43 2.53
N ILE A 147 3.03 0.06 3.05
CA ILE A 147 4.32 -0.18 2.42
CA ILE A 147 4.32 -0.16 2.43
C ILE A 147 5.10 -1.10 3.35
N LEU A 148 5.38 -2.30 2.87
CA LEU A 148 6.12 -3.27 3.67
C LEU A 148 7.56 -3.29 3.17
N LEU A 149 8.48 -3.63 4.07
CA LEU A 149 9.89 -3.49 3.79
C LEU A 149 10.58 -4.83 4.04
N GLY A 150 11.46 -5.19 3.11
CA GLY A 150 12.30 -6.37 3.29
C GLY A 150 13.51 -6.04 4.13
N MET A 151 14.11 -7.05 4.75
CA MET A 151 15.33 -6.82 5.51
C MET A 151 16.47 -6.26 4.65
N ASP A 152 16.43 -6.55 3.34
CA ASP A 152 17.40 -6.03 2.36
C ASP A 152 17.09 -4.61 1.84
N GLY A 153 16.04 -4.00 2.36
CA GLY A 153 15.62 -2.68 1.90
C GLY A 153 14.63 -2.67 0.74
N SER A 154 14.15 -3.85 0.32
CA SER A 154 13.05 -3.92 -0.66
C SER A 154 11.84 -3.17 -0.14
N VAL A 155 11.11 -2.56 -1.08
CA VAL A 155 9.97 -1.72 -0.76
C VAL A 155 8.80 -2.18 -1.60
N LYS A 156 7.73 -2.61 -0.92
CA LYS A 156 6.60 -3.25 -1.60
C LYS A 156 5.24 -2.79 -1.07
N LEU A 157 4.35 -2.53 -2.02
CA LEU A 157 2.99 -2.13 -1.75
C LEU A 157 2.11 -3.34 -1.41
N THR A 158 1.23 -3.14 -0.44
CA THR A 158 0.35 -4.19 0.05
C THR A 158 -1.09 -3.68 0.19
N ASP A 159 -2.00 -4.61 0.45
CA ASP A 159 -3.43 -4.35 0.71
C ASP A 159 -4.20 -3.83 -0.50
N PHE A 160 -4.68 -4.77 -1.31
CA PHE A 160 -5.51 -4.45 -2.44
C PHE A 160 -7.00 -4.57 -2.18
N GLY A 161 -7.36 -4.52 -0.89
CA GLY A 161 -8.75 -4.63 -0.49
C GLY A 161 -9.63 -3.44 -0.87
N PHE A 162 -9.00 -2.36 -1.36
CA PHE A 162 -9.70 -1.12 -1.67
C PHE A 162 -9.48 -0.65 -3.10
N CYS A 163 -8.80 -1.47 -3.91
CA CYS A 163 -8.45 -1.03 -5.25
C CYS A 163 -9.64 -0.96 -6.22
N ALA A 164 -9.46 -0.18 -7.28
CA ALA A 164 -10.45 0.00 -8.32
C ALA A 164 -9.84 -0.34 -9.67
N GLN A 165 -10.63 -1.04 -10.48
CA GLN A 165 -10.29 -1.29 -11.88
C GLN A 165 -11.12 -0.39 -12.76
N ILE A 166 -10.44 0.47 -13.52
CA ILE A 166 -11.11 1.43 -14.38
C ILE A 166 -11.06 0.99 -15.86
N THR A 167 -11.86 1.64 -16.68
CA THR A 167 -12.00 1.36 -18.10
C THR A 167 -12.02 2.70 -18.85
N PRO A 168 -11.82 2.71 -20.18
CA PRO A 168 -12.02 3.98 -20.88
C PRO A 168 -13.47 4.49 -20.81
N GLU A 169 -14.44 3.58 -20.78
CA GLU A 169 -15.87 3.91 -20.60
C GLU A 169 -16.18 4.50 -19.23
N GLN A 170 -15.43 4.05 -18.22
CA GLN A 170 -15.57 4.55 -16.86
C GLN A 170 -14.18 4.71 -16.23
N SER A 171 -13.52 5.80 -16.59
CA SER A 171 -12.13 6.06 -16.20
C SER A 171 -12.01 6.74 -14.86
N LYS A 172 -13.15 7.13 -14.29
CA LYS A 172 -13.17 7.79 -12.99
C LYS A 172 -14.08 7.09 -12.00
N ARG A 173 -13.68 7.15 -10.72
CA ARG A 173 -14.44 6.58 -9.61
C ARG A 173 -14.94 7.70 -8.70
N SER A 174 -15.85 7.35 -7.79
CA SER A 174 -16.39 8.32 -6.83
C SER A 174 -16.42 7.84 -5.39
N MET A 176 -15.62 6.82 -1.76
CA MET A 176 -14.62 7.24 -0.78
C MET A 176 -14.17 6.00 0.02
N VAL A 177 -13.01 5.44 -0.36
CA VAL A 177 -12.50 4.22 0.33
C VAL A 177 -11.23 4.46 1.13
N GLY A 178 -10.48 5.49 0.75
CA GLY A 178 -9.17 5.76 1.31
C GLY A 178 -9.18 6.21 2.76
N THR A 179 -8.03 6.09 3.39
CA THR A 179 -7.82 6.63 4.74
C THR A 179 -7.80 8.16 4.70
N PRO A 180 -8.68 8.83 5.47
CA PRO A 180 -8.85 10.28 5.40
C PRO A 180 -7.58 11.12 5.29
N TYR A 181 -6.58 10.92 6.16
CA TYR A 181 -5.41 11.81 6.19
C TYR A 181 -4.61 11.80 4.88
N TRP A 182 -4.74 10.72 4.13
CA TRP A 182 -4.00 10.53 2.90
C TRP A 182 -4.82 10.81 1.62
N MET A 183 -6.09 11.16 1.82
CA MET A 183 -7.04 11.38 0.71
C MET A 183 -6.80 12.66 -0.06
N ALA A 184 -6.81 12.55 -1.39
CA ALA A 184 -6.78 13.72 -2.26
C ALA A 184 -8.04 14.55 -2.09
N PRO A 185 -7.90 15.89 -2.20
CA PRO A 185 -9.04 16.77 -1.97
C PRO A 185 -10.20 16.54 -2.96
N GLU A 186 -9.89 16.16 -4.21
CA GLU A 186 -10.97 15.93 -5.19
C GLU A 186 -11.91 14.77 -4.81
N VAL A 187 -11.45 13.83 -3.97
CA VAL A 187 -12.29 12.71 -3.54
C VAL A 187 -13.51 13.25 -2.76
N VAL A 188 -13.32 14.35 -2.04
CA VAL A 188 -14.41 14.96 -1.28
C VAL A 188 -15.07 16.15 -2.02
N THR A 189 -14.30 16.93 -2.76
CA THR A 189 -14.85 18.12 -3.44
C THR A 189 -15.60 17.83 -4.75
N ARG A 190 -15.27 16.70 -5.39
CA ARG A 190 -15.94 16.30 -6.64
C ARG A 190 -16.50 14.89 -6.48
N LYS A 191 -17.11 14.37 -7.55
CA LYS A 191 -17.47 12.94 -7.60
C LYS A 191 -16.89 12.26 -8.83
N ALA A 192 -15.62 12.58 -9.12
CA ALA A 192 -14.93 11.99 -10.25
C ALA A 192 -13.43 12.11 -9.99
N TYR A 193 -12.82 11.01 -9.58
CA TYR A 193 -11.38 10.98 -9.39
C TYR A 193 -10.74 9.81 -10.14
N GLY A 194 -9.45 9.95 -10.39
CA GLY A 194 -8.72 8.93 -11.14
C GLY A 194 -7.43 8.49 -10.47
N PRO A 195 -6.52 7.89 -11.26
CA PRO A 195 -5.29 7.34 -10.71
C PRO A 195 -4.46 8.32 -9.88
N LYS A 196 -4.55 9.61 -10.18
CA LYS A 196 -3.67 10.56 -9.49
C LYS A 196 -4.02 10.74 -8.02
N VAL A 197 -5.11 10.12 -7.55
CA VAL A 197 -5.34 10.13 -6.10
C VAL A 197 -4.20 9.39 -5.40
N ASP A 198 -3.65 8.37 -6.07
CA ASP A 198 -2.52 7.60 -5.49
C ASP A 198 -1.24 8.47 -5.41
N ILE A 199 -1.09 9.40 -6.36
CA ILE A 199 0.07 10.31 -6.39
C ILE A 199 -0.04 11.29 -5.22
N TRP A 200 -1.22 11.86 -5.01
CA TRP A 200 -1.44 12.72 -3.86
C TRP A 200 -1.06 11.96 -2.57
N SER A 201 -1.59 10.74 -2.43
CA SER A 201 -1.33 9.93 -1.23
C SER A 201 0.17 9.68 -1.05
N LEU A 202 0.88 9.43 -2.15
CA LEU A 202 2.34 9.28 -2.09
C LEU A 202 3.00 10.58 -1.56
N GLY A 203 2.54 11.73 -2.03
CA GLY A 203 3.02 13.00 -1.49
C GLY A 203 2.86 13.12 0.02
N ILE A 204 1.69 12.71 0.51
CA ILE A 204 1.43 12.71 1.95
C ILE A 204 2.39 11.74 2.67
N MET A 205 2.67 10.60 2.04
CA MET A 205 3.64 9.66 2.59
CA MET A 205 3.62 9.66 2.60
C MET A 205 5.04 10.26 2.67
N ALA A 206 5.39 11.08 1.67
CA ALA A 206 6.67 11.77 1.72
C ALA A 206 6.69 12.76 2.88
N ILE A 207 5.56 13.42 3.15
CA ILE A 207 5.45 14.23 4.36
C ILE A 207 5.65 13.38 5.65
N GLU A 208 5.09 12.18 5.68
CA GLU A 208 5.34 11.27 6.80
C GLU A 208 6.84 11.03 6.97
N MET A 209 7.54 10.83 5.86
CA MET A 209 8.97 10.52 5.92
C MET A 209 9.83 11.68 6.42
N ILE A 210 9.35 12.90 6.16
CA ILE A 210 10.00 14.12 6.62
C ILE A 210 9.66 14.42 8.07
N GLU A 211 8.37 14.45 8.37
CA GLU A 211 7.84 14.95 9.67
C GLU A 211 7.37 13.90 10.66
N GLY A 212 7.24 12.66 10.19
CA GLY A 212 6.84 11.55 11.05
C GLY A 212 5.34 11.29 11.15
N GLU A 213 4.53 12.18 10.60
CA GLU A 213 3.06 12.03 10.58
C GLU A 213 2.53 12.70 9.32
N PRO A 214 1.33 12.27 8.84
CA PRO A 214 0.67 13.03 7.79
C PRO A 214 0.12 14.32 8.41
N PRO A 215 -0.16 15.35 7.58
CA PRO A 215 -0.83 16.54 8.16
C PRO A 215 -2.17 16.17 8.83
N TYR A 216 -2.51 16.84 9.93
CA TYR A 216 -3.82 16.71 10.62
C TYR A 216 -4.06 15.39 11.34
N LEU A 217 -3.00 14.61 11.58
CA LEU A 217 -3.17 13.31 12.25
C LEU A 217 -3.91 13.43 13.59
N ASN A 218 -3.64 14.50 14.32
CA ASN A 218 -4.17 14.71 15.67
C ASN A 218 -5.65 15.11 15.67
N GLU A 219 -6.18 15.34 14.47
CA GLU A 219 -7.57 15.76 14.29
C GLU A 219 -8.46 14.57 14.04
N ASN A 220 -9.73 14.71 14.42
CA ASN A 220 -10.74 13.73 14.08
C ASN A 220 -10.76 13.56 12.56
N PRO A 221 -10.80 12.30 12.06
CA PRO A 221 -10.75 12.11 10.60
C PRO A 221 -11.80 12.92 9.82
N LEU A 222 -12.98 13.09 10.41
CA LEU A 222 -14.01 13.96 9.85
C LEU A 222 -13.51 15.41 9.63
N ARG A 223 -12.80 15.96 10.62
CA ARG A 223 -12.26 17.32 10.52
C ARG A 223 -11.09 17.38 9.52
N ALA A 224 -10.19 16.39 9.57
CA ALA A 224 -9.09 16.31 8.61
C ALA A 224 -9.56 16.46 7.16
N LEU A 225 -10.62 15.74 6.80
CA LEU A 225 -11.11 15.74 5.43
C LEU A 225 -11.66 17.11 4.99
N TYR A 226 -12.32 17.80 5.90
CA TYR A 226 -12.75 19.19 5.65
C TYR A 226 -11.51 20.09 5.47
N LEU A 227 -10.52 19.92 6.33
CA LEU A 227 -9.27 20.69 6.24
C LEU A 227 -8.52 20.44 4.95
N ILE A 228 -8.48 19.19 4.50
CA ILE A 228 -7.82 18.84 3.24
C ILE A 228 -8.51 19.57 2.08
N ALA A 229 -9.84 19.50 2.05
CA ALA A 229 -10.64 20.13 1.01
C ALA A 229 -10.50 21.65 0.97
N THR A 230 -10.41 22.26 2.15
CA THR A 230 -10.38 23.72 2.27
C THR A 230 -8.99 24.35 2.30
N ASN A 231 -8.00 23.61 2.80
CA ASN A 231 -6.62 24.10 2.83
C ASN A 231 -5.86 23.75 1.54
N GLY A 232 -6.23 22.63 0.93
CA GLY A 232 -5.56 22.16 -0.28
C GLY A 232 -4.17 21.63 0.00
N THR A 233 -3.17 22.12 -0.75
CA THR A 233 -1.79 21.64 -0.62
C THR A 233 -1.26 21.93 0.79
N PRO A 234 -0.88 20.86 1.53
CA PRO A 234 -0.45 21.06 2.92
C PRO A 234 0.90 21.75 3.01
N GLU A 235 1.08 22.54 4.07
CA GLU A 235 2.33 23.25 4.31
C GLU A 235 3.25 22.43 5.20
N LEU A 236 4.54 22.43 4.88
CA LEU A 236 5.53 21.78 5.73
C LEU A 236 5.88 22.64 6.93
N GLN A 237 6.26 21.99 8.03
CA GLN A 237 6.66 22.71 9.23
C GLN A 237 7.96 23.48 9.04
N ASN A 238 8.91 22.86 8.35
CA ASN A 238 10.23 23.46 8.13
C ASN A 238 10.70 23.28 6.69
N PRO A 239 10.06 23.97 5.72
CA PRO A 239 10.40 23.66 4.32
C PRO A 239 11.83 24.03 3.94
N GLU A 240 12.41 25.00 4.64
CA GLU A 240 13.82 25.41 4.47
C GLU A 240 14.85 24.31 4.72
N LYS A 241 14.46 23.27 5.45
CA LYS A 241 15.38 22.19 5.74
C LYS A 241 15.50 21.21 4.58
N LEU A 242 14.60 21.34 3.60
CA LEU A 242 14.53 20.40 2.49
C LEU A 242 15.26 20.97 1.31
N SER A 243 15.81 20.08 0.48
CA SER A 243 16.44 20.55 -0.76
C SER A 243 15.39 21.12 -1.71
N ALA A 244 15.84 22.02 -2.59
CA ALA A 244 14.94 22.59 -3.60
C ALA A 244 14.34 21.52 -4.49
N ILE A 245 15.12 20.50 -4.83
CA ILE A 245 14.58 19.46 -5.71
C ILE A 245 13.52 18.61 -5.00
N PHE A 246 13.73 18.31 -3.72
CA PHE A 246 12.70 17.59 -2.92
C PHE A 246 11.42 18.45 -2.80
N ARG A 247 11.58 19.73 -2.51
CA ARG A 247 10.40 20.62 -2.44
C ARG A 247 9.65 20.59 -3.78
N ASP A 248 10.38 20.59 -4.89
CA ASP A 248 9.73 20.54 -6.19
C ASP A 248 8.95 19.24 -6.40
N PHE A 249 9.55 18.11 -6.02
CA PHE A 249 8.92 16.81 -6.12
C PHE A 249 7.62 16.81 -5.29
N LEU A 250 7.69 17.34 -4.09
CA LEU A 250 6.50 17.39 -3.21
C LEU A 250 5.40 18.25 -3.86
N ASN A 251 5.79 19.40 -4.41
CA ASN A 251 4.85 20.28 -5.11
C ASN A 251 4.13 19.58 -6.25
N ARG A 252 4.84 18.71 -6.96
CA ARG A 252 4.26 18.02 -8.11
C ARG A 252 3.33 16.89 -7.71
N CYS A 253 3.63 16.24 -6.57
CA CYS A 253 2.73 15.22 -5.99
C CYS A 253 1.45 15.81 -5.39
N LEU A 254 1.57 17.00 -4.81
CA LEU A 254 0.48 17.60 -4.00
C LEU A 254 -0.18 18.81 -4.67
N GLU A 255 -0.13 18.83 -6.00
CA GLU A 255 -0.75 19.84 -6.81
C GLU A 255 -2.26 19.69 -6.67
N MET A 256 -2.95 20.82 -6.46
CA MET A 256 -4.41 20.84 -6.36
C MET A 256 -5.11 20.49 -7.67
N ASP A 257 -4.52 20.96 -8.76
CA ASP A 257 -5.08 20.84 -10.09
C ASP A 257 -4.67 19.46 -10.56
N VAL A 258 -5.65 18.55 -10.64
CA VAL A 258 -5.35 17.17 -11.03
C VAL A 258 -4.58 17.07 -12.35
N GLU A 259 -4.98 17.88 -13.33
CA GLU A 259 -4.28 17.93 -14.61
C GLU A 259 -2.80 18.27 -14.47
N LYS A 260 -2.48 19.21 -13.59
CA LYS A 260 -1.10 19.65 -13.32
C LYS A 260 -0.29 18.67 -12.46
N ARG A 261 -0.97 18.00 -11.53
CA ARG A 261 -0.32 16.97 -10.72
C ARG A 261 0.39 15.92 -11.55
N GLY A 262 1.56 15.49 -11.08
CA GLY A 262 2.35 14.49 -11.82
C GLY A 262 1.63 13.17 -11.91
N SER A 263 1.72 12.51 -13.07
CA SER A 263 1.40 11.09 -13.14
C SER A 263 2.59 10.29 -12.61
N ALA A 264 2.37 9.00 -12.36
CA ALA A 264 3.48 8.15 -11.89
C ALA A 264 4.58 8.08 -12.95
N LYS A 265 4.20 7.94 -14.22
CA LYS A 265 5.17 7.86 -15.30
C LYS A 265 6.02 9.13 -15.34
N GLU A 266 5.37 10.30 -15.21
CA GLU A 266 6.09 11.58 -15.24
C GLU A 266 7.04 11.71 -14.05
N LEU A 267 6.56 11.34 -12.87
CA LEU A 267 7.32 11.50 -11.65
C LEU A 267 8.53 10.56 -11.55
N LEU A 268 8.45 9.42 -12.23
CA LEU A 268 9.62 8.54 -12.33
C LEU A 268 10.82 9.22 -13.01
N GLN A 269 10.57 10.29 -13.78
CA GLN A 269 11.65 11.05 -14.42
C GLN A 269 12.15 12.19 -13.57
N HIS A 270 11.52 12.41 -12.41
CA HIS A 270 11.88 13.58 -11.60
C HIS A 270 13.30 13.49 -11.04
N GLN A 271 14.02 14.62 -11.03
CA GLN A 271 15.44 14.60 -10.58
C GLN A 271 15.60 14.33 -9.08
N PHE A 272 14.55 14.54 -8.29
CA PHE A 272 14.63 14.13 -6.88
C PHE A 272 14.94 12.64 -6.78
N LEU A 273 14.36 11.84 -7.67
CA LEU A 273 14.59 10.39 -7.54
C LEU A 273 16.02 10.00 -7.82
N LYS A 274 16.74 10.87 -8.53
CA LYS A 274 18.13 10.58 -8.92
C LYS A 274 19.14 10.67 -7.77
N ILE A 275 18.71 11.21 -6.62
CA ILE A 275 19.59 11.27 -5.45
C ILE A 275 19.41 10.04 -4.56
N ALA A 276 18.52 9.12 -5.00
CA ALA A 276 18.25 7.90 -4.26
C ALA A 276 19.54 7.17 -3.91
N LYS A 277 19.64 6.77 -2.65
CA LYS A 277 20.68 5.86 -2.22
C LYS A 277 20.29 4.43 -2.60
N PRO A 278 21.27 3.49 -2.59
CA PRO A 278 20.89 2.09 -2.74
C PRO A 278 19.85 1.70 -1.69
N LEU A 279 18.99 0.74 -2.04
CA LEU A 279 17.98 0.27 -1.10
C LEU A 279 18.59 -0.34 0.17
N SER A 280 19.79 -0.89 0.04
CA SER A 280 20.56 -1.37 1.21
C SER A 280 20.72 -0.29 2.31
N SER A 281 20.65 0.99 1.92
CA SER A 281 20.82 2.12 2.88
C SER A 281 19.69 2.16 3.89
N LEU A 282 18.59 1.49 3.56
CA LEU A 282 17.42 1.44 4.49
C LEU A 282 17.57 0.43 5.59
N THR A 283 18.45 -0.55 5.41
CA THR A 283 18.55 -1.68 6.34
C THR A 283 18.79 -1.27 7.82
N PRO A 284 19.70 -0.30 8.08
CA PRO A 284 19.88 0.13 9.49
C PRO A 284 18.59 0.72 10.11
N LEU A 285 17.81 1.47 9.32
CA LEU A 285 16.54 2.06 9.79
C LEU A 285 15.52 0.96 10.08
N ILE A 286 15.44 0.02 9.15
CA ILE A 286 14.54 -1.13 9.31
C ILE A 286 14.91 -1.93 10.56
N ALA A 287 16.20 -2.23 10.76
CA ALA A 287 16.65 -2.96 11.94
C ALA A 287 16.30 -2.21 13.22
N ALA A 288 16.57 -0.90 13.22
CA ALA A 288 16.29 -0.05 14.37
C ALA A 288 14.79 0.02 14.70
N ALA A 289 13.97 0.23 13.67
CA ALA A 289 12.51 0.29 13.83
C ALA A 289 11.92 -1.04 14.33
N LYS A 290 12.45 -2.14 13.80
CA LYS A 290 12.02 -3.48 14.23
C LYS A 290 12.32 -3.70 15.71
N GLU A 291 13.52 -3.31 16.14
CA GLU A 291 13.91 -3.44 17.54
C GLU A 291 13.03 -2.58 18.46
N ALA A 292 12.73 -1.37 18.00
CA ALA A 292 11.92 -0.42 18.77
C ALA A 292 10.47 -0.90 18.89
N THR A 293 10.07 -1.65 17.86
CA THR A 293 8.72 -2.18 17.61
C THR A 293 7.69 -1.10 17.26
#